data_7B1K
#
_entry.id   7B1K
#
_cell.length_a   62.314
_cell.length_b   70.758
_cell.length_c   95.545
_cell.angle_alpha   90.000
_cell.angle_beta   90.000
_cell.angle_gamma   90.000
#
_symmetry.space_group_name_H-M   'P 2 21 21'
#
loop_
_entity.id
_entity.type
_entity.pdbx_description
1 polymer 'CDP-diacylglycerol--serine O-phosphatidyltransferase'
2 non-polymer "5'-O-[(R)-{[(S)-{(2R)-2,3-bis[(9E)-octadec-9-enoyloxy]propoxy}(hydroxy)phosphoryl]oxy}(hydroxy)phosphoryl]cytidine"
3 non-polymer 'CALCIUM ION'
4 non-polymer 'MAGNESIUM ION'
5 non-polymer 'CHLORIDE ION'
6 non-polymer 'CITRATE ANION'
7 non-polymer 'SODIUM ION'
8 non-polymer '(2R)-2,3-dihydroxypropyl (9Z)-octadec-9-enoate'
9 water water
#
_entity_poly.entity_id   1
_entity_poly.type   'polypeptide(L)'
_entity_poly.pdbx_seq_one_letter_code
;MGSSHHHHHHSSGLEVLFQGPHMFSIRKIITISDYVTMLNIITGLLAILLNSFSLIYLSIIFDSLDGYVARKTGTVSDFG
AELDSISDVVSFGVAPAYLLYNNFESNLALISAIIFCLCGALRLARFGILNVKGFIGLPIPAGALLLVGFCQLINSYLIN
SILAILIGLLMISDIKYPKYPNKIFIYIFAVSLCLAIVGIPHFALMLCLIYAIYGIIKYIRGDLE
;
_entity_poly.pdbx_strand_id   A,B
#
loop_
_chem_comp.id
_chem_comp.type
_chem_comp.name
_chem_comp.formula
58A non-polymer 5'-O-[(R)-{[(S)-{(2R)-2,3-bis[(9E)-octadec-9-enoyloxy]propoxy}(hydroxy)phosphoryl]oxy}(hydroxy)phosphoryl]cytidine 'C48 H85 N3 O15 P2'
CA non-polymer 'CALCIUM ION' 'Ca 2'
CL non-polymer 'CHLORIDE ION' 'Cl -1'
FLC non-polymer 'CITRATE ANION' 'C6 H5 O7 -3'
MG non-polymer 'MAGNESIUM ION' 'Mg 2'
NA non-polymer 'SODIUM ION' 'Na 1'
OLC non-polymer '(2R)-2,3-dihydroxypropyl (9Z)-octadec-9-enoate' 'C21 H40 O4'
#
# COMPACT_ATOMS: atom_id res chain seq x y z
N MET A 23 -5.08 -13.57 -22.89
CA MET A 23 -4.11 -14.26 -22.04
C MET A 23 -3.89 -13.50 -20.74
N PHE A 24 -4.41 -14.07 -19.63
CA PHE A 24 -4.22 -13.53 -18.29
C PHE A 24 -4.00 -14.72 -17.35
N SER A 25 -2.76 -15.23 -17.36
CA SER A 25 -2.42 -16.36 -16.50
C SER A 25 -2.53 -16.03 -15.02
N ILE A 26 -2.65 -14.75 -14.67
CA ILE A 26 -2.92 -14.37 -13.29
C ILE A 26 -4.26 -14.92 -12.82
N ARG A 27 -5.16 -15.25 -13.75
CA ARG A 27 -6.43 -15.87 -13.38
C ARG A 27 -6.24 -17.28 -12.83
N LYS A 28 -5.08 -17.90 -13.07
CA LYS A 28 -4.85 -19.26 -12.58
C LYS A 28 -4.61 -19.27 -11.07
N ILE A 29 -3.88 -18.28 -10.56
CA ILE A 29 -3.48 -18.28 -9.15
C ILE A 29 -4.46 -17.52 -8.26
N ILE A 30 -5.51 -16.91 -8.82
CA ILE A 30 -6.50 -16.24 -8.01
C ILE A 30 -7.47 -17.27 -7.44
N THR A 31 -7.79 -17.14 -6.15
CA THR A 31 -8.64 -18.10 -5.46
C THR A 31 -9.74 -17.36 -4.71
N ILE A 32 -10.59 -18.12 -4.03
CA ILE A 32 -11.72 -17.55 -3.32
C ILE A 32 -11.25 -16.65 -2.18
N SER A 33 -10.18 -17.05 -1.50
CA SER A 33 -9.65 -16.22 -0.41
C SER A 33 -9.10 -14.90 -0.94
N ASP A 34 -8.50 -14.91 -2.13
CA ASP A 34 -8.04 -13.66 -2.74
C ASP A 34 -9.21 -12.78 -3.16
N TYR A 35 -10.39 -13.36 -3.40
CA TYR A 35 -11.57 -12.56 -3.71
C TYR A 35 -11.97 -11.70 -2.53
N VAL A 36 -11.90 -12.26 -1.31
CA VAL A 36 -12.20 -11.49 -0.12
C VAL A 36 -11.11 -10.45 0.14
N THR A 37 -9.86 -10.78 -0.18
CA THR A 37 -8.78 -9.82 0.01
C THR A 37 -8.95 -8.61 -0.90
N MET A 38 -9.43 -8.83 -2.13
CA MET A 38 -9.67 -7.70 -3.02
C MET A 38 -10.84 -6.85 -2.56
N LEU A 39 -11.84 -7.46 -1.92
CA LEU A 39 -12.86 -6.69 -1.23
C LEU A 39 -12.25 -5.84 -0.11
N ASN A 40 -11.23 -6.37 0.56
CA ASN A 40 -10.53 -5.62 1.59
C ASN A 40 -9.73 -4.46 0.99
N ILE A 41 -9.18 -4.65 -0.22
CA ILE A 41 -8.48 -3.56 -0.88
C ILE A 41 -9.46 -2.47 -1.31
N ILE A 42 -10.60 -2.88 -1.89
CA ILE A 42 -11.60 -1.92 -2.35
C ILE A 42 -12.11 -1.08 -1.20
N THR A 43 -12.45 -1.72 -0.08
CA THR A 43 -12.97 -0.99 1.07
C THR A 43 -11.93 -0.03 1.64
N GLY A 44 -10.66 -0.45 1.67
CA GLY A 44 -9.61 0.43 2.17
C GLY A 44 -9.38 1.62 1.26
N LEU A 45 -9.34 1.39 -0.06
CA LEU A 45 -9.19 2.49 -1.00
C LEU A 45 -10.42 3.37 -1.04
N LEU A 46 -11.61 2.77 -0.86
CA LEU A 46 -12.84 3.55 -0.84
C LEU A 46 -12.91 4.47 0.38
N ALA A 47 -12.34 4.03 1.51
CA ALA A 47 -12.29 4.89 2.69
C ALA A 47 -11.43 6.12 2.42
N ILE A 48 -10.36 5.97 1.63
CA ILE A 48 -9.54 7.11 1.26
C ILE A 48 -10.34 8.06 0.37
N LEU A 49 -10.93 7.53 -0.71
CA LEU A 49 -11.59 8.38 -1.69
C LEU A 49 -12.84 9.04 -1.11
N LEU A 50 -13.60 8.30 -0.30
CA LEU A 50 -14.88 8.79 0.20
C LEU A 50 -14.79 9.32 1.64
N ASN A 51 -13.59 9.39 2.21
CA ASN A 51 -13.37 9.97 3.53
C ASN A 51 -14.25 9.32 4.58
N SER A 52 -14.30 7.99 4.56
CA SER A 52 -15.18 7.22 5.43
C SER A 52 -14.35 6.51 6.49
N PHE A 53 -14.54 6.91 7.76
CA PHE A 53 -14.03 6.12 8.86
C PHE A 53 -14.72 4.77 8.94
N SER A 54 -15.98 4.71 8.52
CA SER A 54 -16.77 3.49 8.66
C SER A 54 -16.22 2.35 7.81
N LEU A 55 -15.69 2.67 6.63
CA LEU A 55 -15.20 1.62 5.74
C LEU A 55 -13.94 0.96 6.29
N ILE A 56 -13.18 1.67 7.13
CA ILE A 56 -12.03 1.05 7.77
C ILE A 56 -12.49 -0.07 8.70
N TYR A 57 -13.64 0.12 9.36
CA TYR A 57 -14.20 -0.93 10.20
C TYR A 57 -14.63 -2.14 9.37
N LEU A 58 -15.17 -1.89 8.17
CA LEU A 58 -15.49 -2.98 7.27
C LEU A 58 -14.22 -3.68 6.76
N SER A 59 -13.12 -2.92 6.63
CA SER A 59 -11.87 -3.51 6.19
C SER A 59 -11.26 -4.41 7.26
N ILE A 60 -11.49 -4.10 8.53
CA ILE A 60 -11.01 -4.98 9.60
C ILE A 60 -11.77 -6.29 9.59
N ILE A 61 -13.08 -6.23 9.32
CA ILE A 61 -13.88 -7.45 9.21
C ILE A 61 -13.32 -8.35 8.10
N PHE A 62 -13.01 -7.76 6.94
CA PHE A 62 -12.49 -8.54 5.82
C PHE A 62 -11.11 -9.10 6.13
N ASP A 63 -10.21 -8.25 6.64
CA ASP A 63 -8.85 -8.69 6.89
C ASP A 63 -8.77 -9.78 7.95
N SER A 64 -9.71 -9.79 8.89
CA SER A 64 -9.76 -10.83 9.91
C SER A 64 -10.46 -12.09 9.42
N LEU A 65 -10.99 -12.09 8.19
CA LEU A 65 -11.76 -13.20 7.66
C LEU A 65 -11.09 -13.92 6.51
N ASP A 66 -10.48 -13.17 5.57
CA ASP A 66 -9.92 -13.79 4.38
C ASP A 66 -8.86 -14.82 4.71
N GLY A 67 -8.09 -14.60 5.78
CA GLY A 67 -7.16 -15.61 6.24
C GLY A 67 -7.86 -16.85 6.75
N TYR A 68 -8.94 -16.66 7.51
CA TYR A 68 -9.77 -17.78 7.94
C TYR A 68 -10.42 -18.46 6.74
N VAL A 69 -10.91 -17.66 5.78
CA VAL A 69 -11.48 -18.21 4.56
C VAL A 69 -10.44 -19.02 3.81
N ALA A 70 -9.20 -18.55 3.79
CA ALA A 70 -8.13 -19.27 3.09
C ALA A 70 -7.89 -20.64 3.72
N ARG A 71 -7.64 -20.66 5.03
CA ARG A 71 -7.38 -21.93 5.72
C ARG A 71 -8.60 -22.84 5.73
N LYS A 72 -9.80 -22.31 5.49
CA LYS A 72 -11.00 -23.15 5.46
C LYS A 72 -11.16 -23.84 4.12
N THR A 73 -11.04 -23.10 3.03
CA THR A 73 -11.13 -23.68 1.69
C THR A 73 -9.80 -24.25 1.21
N GLY A 74 -8.76 -24.23 2.04
CA GLY A 74 -7.45 -24.69 1.64
C GLY A 74 -6.74 -23.84 0.62
N THR A 75 -7.32 -22.70 0.22
CA THR A 75 -6.74 -21.84 -0.80
C THR A 75 -5.65 -20.92 -0.26
N VAL A 76 -4.80 -21.43 0.64
CA VAL A 76 -3.67 -20.67 1.13
C VAL A 76 -2.56 -20.69 0.08
N SER A 77 -1.96 -19.53 -0.17
CA SER A 77 -0.90 -19.43 -1.16
C SER A 77 -0.02 -18.24 -0.81
N ASP A 78 1.21 -18.27 -1.34
CA ASP A 78 2.11 -17.13 -1.17
C ASP A 78 1.60 -15.90 -1.88
N PHE A 79 0.84 -16.09 -2.98
CA PHE A 79 0.21 -14.96 -3.65
C PHE A 79 -0.84 -14.31 -2.75
N GLY A 80 -1.67 -15.12 -2.11
CA GLY A 80 -2.65 -14.58 -1.18
C GLY A 80 -2.02 -13.97 0.06
N ALA A 81 -0.90 -14.53 0.52
CA ALA A 81 -0.20 -13.95 1.66
C ALA A 81 0.34 -12.57 1.30
N GLU A 82 1.03 -12.47 0.16
CA GLU A 82 1.50 -11.17 -0.31
C GLU A 82 0.34 -10.21 -0.54
N LEU A 83 -0.75 -10.71 -1.13
CA LEU A 83 -1.92 -9.87 -1.35
C LEU A 83 -2.57 -9.49 -0.03
N ASP A 84 -2.44 -10.33 0.99
CA ASP A 84 -3.01 -10.01 2.30
C ASP A 84 -2.37 -8.76 2.90
N SER A 85 -1.05 -8.64 2.78
CA SER A 85 -0.35 -7.49 3.34
C SER A 85 -0.44 -6.25 2.45
N ILE A 86 -0.64 -6.42 1.15
CA ILE A 86 -0.90 -5.28 0.29
C ILE A 86 -2.21 -4.61 0.67
N SER A 87 -3.20 -5.41 1.05
CA SER A 87 -4.47 -4.86 1.53
C SER A 87 -4.30 -4.14 2.85
N ASP A 88 -3.43 -4.64 3.73
CA ASP A 88 -3.15 -3.94 4.98
C ASP A 88 -2.49 -2.59 4.74
N VAL A 89 -1.68 -2.48 3.68
CA VAL A 89 -1.04 -1.21 3.36
C VAL A 89 -2.10 -0.16 3.04
N VAL A 90 -3.04 -0.49 2.16
CA VAL A 90 -4.07 0.47 1.76
C VAL A 90 -5.02 0.74 2.92
N SER A 91 -5.46 -0.32 3.60
CA SER A 91 -6.56 -0.18 4.56
C SER A 91 -6.09 0.40 5.89
N PHE A 92 -4.98 -0.11 6.43
CA PHE A 92 -4.58 0.21 7.79
C PHE A 92 -3.27 1.00 7.86
N GLY A 93 -2.73 1.44 6.74
CA GLY A 93 -1.52 2.22 6.75
C GLY A 93 -1.68 3.59 6.12
N VAL A 94 -2.15 3.62 4.89
CA VAL A 94 -2.34 4.89 4.19
C VAL A 94 -3.68 5.50 4.55
N ALA A 95 -4.73 4.69 4.56
CA ALA A 95 -6.07 5.21 4.83
C ALA A 95 -6.19 5.89 6.20
N PRO A 96 -5.77 5.28 7.31
CA PRO A 96 -5.88 6.00 8.60
C PRO A 96 -5.01 7.25 8.66
N ALA A 97 -3.84 7.23 8.02
CA ALA A 97 -3.01 8.43 7.95
C ALA A 97 -3.71 9.52 7.14
N TYR A 98 -4.33 9.15 6.02
CA TYR A 98 -5.08 10.11 5.24
C TYR A 98 -6.26 10.67 6.03
N LEU A 99 -7.04 9.79 6.65
CA LEU A 99 -8.18 10.23 7.45
C LEU A 99 -7.75 11.19 8.56
N LEU A 100 -6.63 10.90 9.21
CA LEU A 100 -6.13 11.78 10.27
C LEU A 100 -5.81 13.17 9.71
N TYR A 101 -5.15 13.23 8.56
CA TYR A 101 -4.77 14.53 8.02
C TYR A 101 -5.93 15.22 7.31
N ASN A 102 -6.73 14.46 6.54
CA ASN A 102 -7.81 15.07 5.77
C ASN A 102 -8.90 15.65 6.67
N ASN A 103 -9.10 15.05 7.84
CA ASN A 103 -10.11 15.52 8.78
C ASN A 103 -9.53 16.35 9.92
N PHE A 104 -8.22 16.55 9.94
CA PHE A 104 -7.56 17.40 10.93
C PHE A 104 -6.37 18.08 10.25
N GLU A 105 -6.67 18.93 9.25
CA GLU A 105 -5.63 19.60 8.47
C GLU A 105 -4.73 20.46 9.36
N SER A 106 -3.48 20.04 9.54
CA SER A 106 -2.52 20.79 10.35
C SER A 106 -1.12 20.39 9.91
N ASN A 107 -0.14 21.13 10.43
CA ASN A 107 1.26 20.73 10.27
C ASN A 107 1.68 19.73 11.34
N LEU A 108 0.96 19.66 12.46
CA LEU A 108 1.18 18.59 13.43
C LEU A 108 0.67 17.26 12.89
N ALA A 109 -0.54 17.24 12.34
CA ALA A 109 -1.15 15.99 11.89
C ALA A 109 -0.41 15.43 10.69
N LEU A 110 0.10 16.29 9.81
CA LEU A 110 0.86 15.81 8.66
C LEU A 110 2.11 15.06 9.10
N ILE A 111 2.80 15.59 10.12
CA ILE A 111 3.97 14.89 10.67
C ILE A 111 3.54 13.56 11.29
N SER A 112 2.35 13.52 11.90
CA SER A 112 1.90 12.31 12.57
C SER A 112 1.39 11.26 11.58
N ALA A 113 0.70 11.69 10.52
CA ALA A 113 0.24 10.74 9.51
C ALA A 113 1.43 10.07 8.82
N ILE A 114 2.50 10.83 8.60
CA ILE A 114 3.71 10.26 8.01
C ILE A 114 4.34 9.25 8.95
N ILE A 115 4.50 9.62 10.23
CA ILE A 115 5.07 8.71 11.21
C ILE A 115 4.20 7.47 11.38
N PHE A 116 2.87 7.66 11.38
CA PHE A 116 1.97 6.53 11.51
C PHE A 116 2.09 5.58 10.32
N CYS A 117 2.15 6.13 9.11
CA CYS A 117 2.24 5.29 7.92
C CYS A 117 3.60 4.60 7.84
N LEU A 118 4.68 5.31 8.18
CA LEU A 118 6.01 4.71 8.12
C LEU A 118 6.14 3.57 9.12
N CYS A 119 5.56 3.74 10.32
CA CYS A 119 5.57 2.66 11.29
C CYS A 119 4.74 1.47 10.81
N GLY A 120 3.72 1.73 9.99
CA GLY A 120 2.94 0.64 9.42
C GLY A 120 3.72 -0.12 8.36
N ALA A 121 4.40 0.62 7.47
CA ALA A 121 5.22 -0.02 6.45
C ALA A 121 6.35 -0.83 7.08
N LEU A 122 7.01 -0.27 8.11
CA LEU A 122 8.14 -0.96 8.72
C LEU A 122 7.69 -2.24 9.41
N ARG A 123 6.59 -2.18 10.16
CA ARG A 123 6.10 -3.37 10.85
C ARG A 123 5.48 -4.38 9.91
N LEU A 124 4.99 -3.94 8.74
CA LEU A 124 4.51 -4.88 7.74
C LEU A 124 5.66 -5.51 6.96
N ALA A 125 6.79 -4.80 6.83
CA ALA A 125 7.97 -5.41 6.25
C ALA A 125 8.60 -6.43 7.19
N ARG A 126 8.46 -6.21 8.51
CA ARG A 126 8.92 -7.21 9.48
C ARG A 126 8.02 -8.43 9.45
N PHE A 127 6.70 -8.22 9.48
CA PHE A 127 5.76 -9.33 9.42
C PHE A 127 5.95 -10.17 8.16
N GLY A 128 6.38 -9.54 7.06
CA GLY A 128 6.56 -10.26 5.82
C GLY A 128 7.70 -11.25 5.84
N ILE A 129 8.71 -11.00 6.67
CA ILE A 129 9.86 -11.90 6.77
C ILE A 129 9.77 -12.84 7.96
N LEU A 130 8.66 -12.81 8.70
CA LEU A 130 8.49 -13.65 9.88
C LEU A 130 7.38 -14.68 9.66
N ASN A 131 7.47 -15.78 10.41
CA ASN A 131 6.48 -16.84 10.39
C ASN A 131 6.24 -17.30 11.84
N VAL A 132 5.62 -16.43 12.62
CA VAL A 132 5.31 -16.69 14.02
C VAL A 132 3.80 -16.68 14.21
N LYS A 133 3.35 -17.36 15.26
CA LYS A 133 1.91 -17.42 15.55
C LYS A 133 1.37 -16.03 15.86
N GLY A 134 2.02 -15.31 16.77
CA GLY A 134 1.57 -14.00 17.18
C GLY A 134 2.16 -12.87 16.36
N PHE A 135 2.31 -11.71 17.00
CA PHE A 135 2.83 -10.51 16.35
C PHE A 135 4.03 -9.99 17.13
N ILE A 136 4.93 -9.32 16.41
CA ILE A 136 6.05 -8.61 17.00
C ILE A 136 5.71 -7.13 16.92
N GLY A 137 5.37 -6.53 18.06
CA GLY A 137 4.82 -5.19 18.07
C GLY A 137 3.32 -5.22 17.80
N LEU A 138 2.70 -4.07 18.03
CA LEU A 138 1.26 -3.96 17.84
C LEU A 138 0.92 -4.16 16.37
N PRO A 139 -0.05 -5.00 16.03
CA PRO A 139 -0.37 -5.23 14.62
C PRO A 139 -1.07 -4.04 14.00
N ILE A 140 -0.92 -3.91 12.68
CA ILE A 140 -1.39 -2.73 11.96
C ILE A 140 -2.91 -2.61 11.93
N PRO A 141 -3.72 -3.68 12.02
CA PRO A 141 -5.17 -3.43 12.13
C PRO A 141 -5.56 -2.85 13.47
N ALA A 142 -4.93 -3.32 14.56
CA ALA A 142 -5.20 -2.75 15.87
C ALA A 142 -4.73 -1.31 15.96
N GLY A 143 -3.69 -0.95 15.21
CA GLY A 143 -3.25 0.43 15.20
C GLY A 143 -4.20 1.35 14.46
N ALA A 144 -4.78 0.85 13.37
CA ALA A 144 -5.74 1.64 12.61
C ALA A 144 -7.04 1.83 13.39
N LEU A 145 -7.57 0.75 13.96
CA LEU A 145 -8.79 0.84 14.76
C LEU A 145 -8.62 1.85 15.89
N LEU A 146 -7.45 1.85 16.53
CA LEU A 146 -7.17 2.81 17.59
C LEU A 146 -7.21 4.24 17.03
N LEU A 147 -6.35 4.53 16.06
CA LEU A 147 -6.26 5.88 15.50
C LEU A 147 -7.61 6.33 14.93
N VAL A 148 -8.22 5.52 14.09
CA VAL A 148 -9.48 5.90 13.45
C VAL A 148 -10.58 6.07 14.49
N GLY A 149 -10.70 5.10 15.39
CA GLY A 149 -11.67 5.22 16.47
C GLY A 149 -11.41 6.41 17.37
N PHE A 150 -10.14 6.77 17.58
CA PHE A 150 -9.82 7.97 18.33
C PHE A 150 -10.10 9.23 17.52
N CYS A 151 -9.90 9.16 16.20
CA CYS A 151 -10.22 10.29 15.33
C CYS A 151 -11.72 10.45 15.11
N GLN A 152 -12.52 9.48 15.55
CA GLN A 152 -13.98 9.57 15.47
C GLN A 152 -14.62 10.04 16.76
N LEU A 153 -13.97 9.83 17.90
CA LEU A 153 -14.49 10.23 19.20
C LEU A 153 -13.86 11.52 19.72
N ILE A 154 -12.60 11.77 19.40
CA ILE A 154 -11.91 12.99 19.81
C ILE A 154 -11.87 13.95 18.64
N ASN A 155 -12.17 15.21 18.91
CA ASN A 155 -12.13 16.27 17.90
C ASN A 155 -10.97 17.20 18.22
N SER A 156 -9.75 16.68 18.13
CA SER A 156 -8.57 17.44 18.48
C SER A 156 -7.47 17.16 17.47
N TYR A 157 -6.97 18.23 16.84
CA TYR A 157 -5.82 18.10 15.95
C TYR A 157 -4.59 17.66 16.73
N LEU A 158 -4.37 18.24 17.90
CA LEU A 158 -3.16 17.99 18.66
C LEU A 158 -3.18 16.61 19.32
N ILE A 159 -4.31 16.26 19.95
CA ILE A 159 -4.37 15.00 20.69
C ILE A 159 -4.28 13.81 19.74
N ASN A 160 -5.09 13.84 18.67
CA ASN A 160 -5.06 12.74 17.70
C ASN A 160 -3.70 12.59 17.03
N SER A 161 -2.91 13.65 16.97
CA SER A 161 -1.57 13.54 16.41
C SER A 161 -0.63 12.81 17.36
N ILE A 162 -0.80 12.99 18.67
CA ILE A 162 0.07 12.31 19.64
C ILE A 162 -0.26 10.83 19.70
N LEU A 163 -1.54 10.47 19.60
CA LEU A 163 -1.91 9.06 19.57
C LEU A 163 -1.30 8.35 18.36
N ALA A 164 -1.38 8.98 17.19
CA ALA A 164 -0.83 8.37 15.99
C ALA A 164 0.66 8.07 16.14
N ILE A 165 1.41 8.99 16.76
CA ILE A 165 2.82 8.76 17.00
C ILE A 165 3.01 7.68 18.05
N LEU A 166 2.18 7.71 19.11
CA LEU A 166 2.22 6.66 20.12
C LEU A 166 1.84 5.31 19.52
N ILE A 167 0.75 5.27 18.75
CA ILE A 167 0.32 4.03 18.10
C ILE A 167 1.38 3.55 17.12
N GLY A 168 2.10 4.48 16.48
CA GLY A 168 3.14 4.07 15.55
C GLY A 168 4.31 3.41 16.23
N LEU A 169 4.78 4.01 17.33
CA LEU A 169 5.90 3.42 18.07
C LEU A 169 5.54 2.07 18.66
N LEU A 170 4.27 1.88 19.05
CA LEU A 170 3.81 0.56 19.47
C LEU A 170 3.91 -0.45 18.34
N MET A 171 3.75 0.01 17.10
CA MET A 171 3.65 -0.90 15.96
C MET A 171 5.02 -1.45 15.55
N ILE A 172 6.09 -0.70 15.73
CA ILE A 172 7.44 -1.16 15.39
C ILE A 172 8.21 -1.64 16.61
N SER A 173 7.52 -1.86 17.72
CA SER A 173 8.14 -2.32 18.95
C SER A 173 8.34 -3.84 18.93
N ASP A 174 8.88 -4.38 20.02
CA ASP A 174 9.07 -5.82 20.17
C ASP A 174 8.02 -6.45 21.07
N ILE A 175 6.94 -5.74 21.37
CA ILE A 175 5.91 -6.26 22.26
C ILE A 175 5.13 -7.36 21.55
N LYS A 176 5.21 -8.57 22.10
CA LYS A 176 4.56 -9.71 21.46
C LYS A 176 3.05 -9.65 21.68
N TYR A 177 2.30 -9.88 20.60
CA TYR A 177 0.86 -9.86 20.65
C TYR A 177 0.30 -11.18 20.14
N PRO A 178 -0.80 -11.67 20.73
CA PRO A 178 -1.35 -12.97 20.33
C PRO A 178 -2.33 -12.86 19.18
N LYS A 179 -2.30 -13.87 18.31
CA LYS A 179 -3.18 -13.91 17.16
C LYS A 179 -4.45 -14.71 17.41
N TYR A 180 -4.35 -15.85 18.11
CA TYR A 180 -5.43 -16.73 18.55
C TYR A 180 -6.68 -16.61 17.67
N PRO A 181 -6.58 -16.90 16.37
CA PRO A 181 -7.72 -16.63 15.48
C PRO A 181 -8.86 -17.63 15.64
N ASN A 182 -9.08 -18.10 16.87
CA ASN A 182 -10.21 -18.97 17.14
C ASN A 182 -11.51 -18.25 16.83
N LYS A 183 -12.45 -18.99 16.23
CA LYS A 183 -13.57 -18.37 15.53
C LYS A 183 -14.38 -17.45 16.45
N ILE A 184 -14.54 -17.83 17.71
CA ILE A 184 -15.33 -17.01 18.64
C ILE A 184 -14.69 -15.65 18.83
N PHE A 185 -13.36 -15.60 18.83
CA PHE A 185 -12.67 -14.32 19.02
C PHE A 185 -12.89 -13.40 17.83
N ILE A 186 -12.98 -13.95 16.63
CA ILE A 186 -13.20 -13.13 15.44
C ILE A 186 -14.60 -12.53 15.46
N TYR A 187 -15.60 -13.35 15.77
CA TYR A 187 -16.98 -12.87 15.79
C TYR A 187 -17.17 -11.81 16.87
N ILE A 188 -16.66 -12.06 18.07
CA ILE A 188 -16.76 -11.08 19.15
C ILE A 188 -16.12 -9.77 18.71
N PHE A 189 -14.96 -9.84 18.07
CA PHE A 189 -14.35 -8.64 17.50
C PHE A 189 -15.21 -8.06 16.39
N ALA A 190 -15.85 -8.91 15.58
CA ALA A 190 -16.57 -8.43 14.42
C ALA A 190 -17.90 -7.78 14.79
N VAL A 191 -18.55 -8.25 15.86
CA VAL A 191 -19.80 -7.62 16.29
C VAL A 191 -19.56 -6.16 16.65
N SER A 192 -18.51 -5.90 17.42
CA SER A 192 -18.14 -4.52 17.73
C SER A 192 -17.81 -3.75 16.46
N LEU A 193 -17.26 -4.42 15.44
CA LEU A 193 -17.01 -3.76 14.17
C LEU A 193 -18.30 -3.48 13.43
N CYS A 194 -19.29 -4.38 13.53
CA CYS A 194 -20.61 -4.11 12.97
C CYS A 194 -21.26 -2.92 13.65
N LEU A 195 -21.12 -2.84 14.98
CA LEU A 195 -21.59 -1.65 15.70
C LEU A 195 -20.75 -0.43 15.38
N ALA A 196 -19.46 -0.63 15.06
CA ALA A 196 -18.62 0.49 14.67
C ALA A 196 -19.00 1.03 13.29
N ILE A 197 -19.31 0.14 12.35
CA ILE A 197 -19.70 0.56 11.01
C ILE A 197 -20.93 1.46 11.08
N VAL A 198 -21.93 1.06 11.87
CA VAL A 198 -23.17 1.82 11.95
C VAL A 198 -23.07 3.06 12.83
N GLY A 199 -21.96 3.25 13.54
CA GLY A 199 -21.74 4.50 14.23
C GLY A 199 -21.52 4.43 15.73
N ILE A 200 -21.20 3.24 16.25
CA ILE A 200 -20.87 3.11 17.67
C ILE A 200 -19.55 2.37 17.77
N PRO A 201 -18.41 3.06 17.61
CA PRO A 201 -17.11 2.40 17.72
C PRO A 201 -16.59 2.29 19.14
N HIS A 202 -17.40 2.60 20.15
CA HIS A 202 -16.92 2.56 21.54
C HIS A 202 -16.54 1.15 21.95
N PHE A 203 -17.27 0.15 21.48
CA PHE A 203 -16.94 -1.23 21.82
C PHE A 203 -15.75 -1.73 21.01
N ALA A 204 -15.67 -1.35 19.73
CA ALA A 204 -14.48 -1.67 18.94
C ALA A 204 -13.24 -1.04 19.55
N LEU A 205 -13.36 0.18 20.07
CA LEU A 205 -12.22 0.84 20.68
C LEU A 205 -11.92 0.28 22.07
N MET A 206 -12.95 -0.16 22.80
CA MET A 206 -12.70 -0.75 24.11
C MET A 206 -11.92 -2.06 23.99
N LEU A 207 -12.36 -2.94 23.10
CA LEU A 207 -11.66 -4.21 22.90
C LEU A 207 -10.26 -4.03 22.31
N CYS A 208 -10.00 -2.89 21.66
CA CYS A 208 -8.68 -2.64 21.11
C CYS A 208 -7.72 -2.10 22.17
N LEU A 209 -8.16 -1.14 22.97
CA LEU A 209 -7.31 -0.61 24.03
C LEU A 209 -7.01 -1.67 25.08
N ILE A 210 -7.94 -2.59 25.33
CA ILE A 210 -7.66 -3.68 26.25
C ILE A 210 -6.64 -4.65 25.63
N TYR A 211 -6.86 -5.02 24.37
CA TYR A 211 -5.91 -5.88 23.68
C TYR A 211 -4.54 -5.24 23.56
N ALA A 212 -4.49 -3.90 23.51
CA ALA A 212 -3.22 -3.20 23.39
C ALA A 212 -2.42 -3.26 24.69
N ILE A 213 -3.01 -2.77 25.79
CA ILE A 213 -2.28 -2.73 27.05
C ILE A 213 -2.03 -4.14 27.58
N TYR A 214 -2.89 -5.10 27.22
CA TYR A 214 -2.60 -6.50 27.54
C TYR A 214 -1.22 -6.89 27.02
N GLY A 215 -0.95 -6.56 25.76
CA GLY A 215 0.38 -6.81 25.21
C GLY A 215 1.48 -6.15 26.03
N ILE A 216 1.25 -4.92 26.48
CA ILE A 216 2.22 -4.23 27.33
C ILE A 216 2.52 -5.06 28.57
N ILE A 217 1.48 -5.42 29.32
CA ILE A 217 1.67 -6.02 30.63
C ILE A 217 2.33 -7.39 30.51
N LYS A 218 1.85 -8.24 29.60
CA LYS A 218 2.50 -9.53 29.39
C LYS A 218 3.96 -9.37 29.00
N TYR A 219 4.30 -8.28 28.33
CA TYR A 219 5.69 -8.03 27.99
C TYR A 219 6.47 -7.50 29.18
N ILE A 220 5.92 -6.50 29.89
CA ILE A 220 6.64 -5.95 31.03
C ILE A 220 6.69 -6.96 32.18
N ARG A 221 5.68 -7.83 32.30
CA ARG A 221 5.74 -8.88 33.31
C ARG A 221 6.73 -9.96 32.89
N GLY A 222 6.71 -10.36 31.63
CA GLY A 222 7.60 -11.39 31.12
C GLY A 222 6.89 -12.71 30.90
N MET B 23 13.96 -1.70 23.00
CA MET B 23 12.61 -2.10 22.63
C MET B 23 12.44 -2.29 21.13
N PHE B 24 13.42 -1.83 20.35
CA PHE B 24 13.28 -1.72 18.91
C PHE B 24 14.39 -2.51 18.23
N SER B 25 14.20 -3.83 18.16
CA SER B 25 15.10 -4.69 17.39
C SER B 25 14.96 -4.47 15.89
N ILE B 26 13.95 -3.70 15.45
CA ILE B 26 13.86 -3.35 14.05
C ILE B 26 15.01 -2.45 13.63
N ARG B 27 15.64 -1.74 14.57
CA ARG B 27 16.78 -0.90 14.25
C ARG B 27 17.98 -1.72 13.79
N LYS B 28 18.03 -3.01 14.12
CA LYS B 28 19.14 -3.85 13.71
C LYS B 28 19.02 -4.25 12.24
N ILE B 29 17.81 -4.59 11.79
CA ILE B 29 17.62 -5.09 10.44
C ILE B 29 17.45 -3.99 9.39
N ILE B 30 17.31 -2.74 9.80
CA ILE B 30 17.18 -1.64 8.85
C ILE B 30 18.54 -1.30 8.30
N THR B 31 18.66 -1.28 6.98
CA THR B 31 19.91 -0.98 6.29
C THR B 31 19.86 0.44 5.73
N ILE B 32 20.96 0.86 5.09
CA ILE B 32 21.03 2.20 4.53
C ILE B 32 20.15 2.32 3.29
N SER B 33 19.97 1.23 2.55
CA SER B 33 19.10 1.26 1.38
C SER B 33 17.64 1.37 1.78
N ASP B 34 17.29 0.83 2.96
CA ASP B 34 15.92 0.92 3.44
C ASP B 34 15.49 2.38 3.64
N TYR B 35 16.43 3.25 4.00
CA TYR B 35 16.09 4.67 4.20
C TYR B 35 15.69 5.33 2.89
N VAL B 36 16.30 4.95 1.78
CA VAL B 36 15.83 5.43 0.48
C VAL B 36 14.41 4.94 0.22
N THR B 37 14.09 3.73 0.66
CA THR B 37 12.71 3.25 0.57
C THR B 37 11.81 3.99 1.54
N MET B 38 12.29 4.27 2.76
CA MET B 38 11.55 5.12 3.66
C MET B 38 11.28 6.49 3.04
N LEU B 39 12.23 7.00 2.25
CA LEU B 39 12.01 8.26 1.56
C LEU B 39 10.94 8.13 0.48
N ASN B 40 10.97 7.02 -0.27
CA ASN B 40 9.98 6.80 -1.31
C ASN B 40 8.58 6.68 -0.72
N ILE B 41 8.46 6.16 0.49
CA ILE B 41 7.17 6.09 1.16
C ILE B 41 6.70 7.49 1.55
N ILE B 42 7.61 8.33 2.03
CA ILE B 42 7.24 9.66 2.49
C ILE B 42 6.72 10.51 1.33
N THR B 43 7.42 10.48 0.20
CA THR B 43 6.98 11.26 -0.95
C THR B 43 5.70 10.72 -1.55
N GLY B 44 5.60 9.39 -1.66
CA GLY B 44 4.37 8.78 -2.17
C GLY B 44 3.16 9.09 -1.30
N LEU B 45 3.36 9.15 0.02
CA LEU B 45 2.28 9.55 0.91
C LEU B 45 2.05 11.05 0.87
N LEU B 46 3.11 11.85 0.75
CA LEU B 46 2.94 13.28 0.60
C LEU B 46 2.24 13.62 -0.71
N ALA B 47 2.36 12.75 -1.72
CA ALA B 47 1.63 12.95 -2.96
C ALA B 47 0.13 12.81 -2.75
N ILE B 48 -0.28 11.86 -1.91
CA ILE B 48 -1.70 11.70 -1.58
C ILE B 48 -2.18 12.88 -0.74
N LEU B 49 -1.45 13.20 0.33
CA LEU B 49 -1.90 14.20 1.28
C LEU B 49 -1.89 15.60 0.66
N LEU B 50 -0.80 15.96 -0.01
CA LEU B 50 -0.67 17.27 -0.63
C LEU B 50 -1.27 17.34 -2.03
N ASN B 51 -1.84 16.24 -2.54
CA ASN B 51 -2.42 16.17 -3.88
C ASN B 51 -1.43 16.70 -4.92
N SER B 52 -0.33 15.96 -5.06
CA SER B 52 0.79 16.38 -5.87
C SER B 52 1.10 15.31 -6.91
N PHE B 53 1.00 15.68 -8.19
CA PHE B 53 1.44 14.79 -9.26
C PHE B 53 2.96 14.71 -9.34
N SER B 54 3.65 15.78 -8.90
CA SER B 54 5.10 15.83 -9.04
C SER B 54 5.80 14.85 -8.12
N LEU B 55 5.24 14.63 -6.92
CA LEU B 55 5.88 13.72 -5.97
C LEU B 55 5.87 12.28 -6.46
N ILE B 56 4.92 11.93 -7.33
CA ILE B 56 4.93 10.60 -7.94
C ILE B 56 6.17 10.44 -8.81
N TYR B 57 6.53 11.48 -9.57
CA TYR B 57 7.73 11.43 -10.39
C TYR B 57 8.98 11.32 -9.53
N LEU B 58 9.00 12.04 -8.40
CA LEU B 58 10.11 11.89 -7.46
C LEU B 58 10.10 10.50 -6.82
N SER B 59 8.92 9.88 -6.71
CA SER B 59 8.84 8.53 -6.19
C SER B 59 9.45 7.52 -7.16
N ILE B 60 9.21 7.71 -8.47
CA ILE B 60 9.76 6.80 -9.46
C ILE B 60 11.28 6.86 -9.48
N ILE B 61 11.85 8.03 -9.17
CA ILE B 61 13.30 8.14 -9.07
C ILE B 61 13.81 7.40 -7.84
N PHE B 62 13.10 7.55 -6.70
CA PHE B 62 13.49 6.84 -5.49
C PHE B 62 13.37 5.34 -5.68
N ASP B 63 12.30 4.88 -6.32
CA ASP B 63 12.10 3.44 -6.54
C ASP B 63 13.19 2.85 -7.42
N SER B 64 13.79 3.67 -8.28
CA SER B 64 14.87 3.19 -9.14
C SER B 64 16.20 3.12 -8.41
N LEU B 65 16.38 3.88 -7.33
CA LEU B 65 17.67 4.01 -6.67
C LEU B 65 17.81 3.19 -5.40
N ASP B 66 16.71 2.95 -4.67
CA ASP B 66 16.79 2.17 -3.44
C ASP B 66 17.28 0.76 -3.73
N GLY B 67 16.78 0.15 -4.80
CA GLY B 67 17.40 -1.06 -5.29
C GLY B 67 18.88 -0.84 -5.61
N TYR B 68 19.18 0.09 -6.52
CA TYR B 68 20.56 0.32 -6.95
C TYR B 68 21.50 0.48 -5.76
N VAL B 69 21.07 1.26 -4.76
CA VAL B 69 21.86 1.42 -3.54
C VAL B 69 22.04 0.07 -2.83
N ALA B 70 20.98 -0.74 -2.80
CA ALA B 70 21.05 -2.03 -2.11
C ALA B 70 22.13 -2.93 -2.72
N ARG B 71 22.11 -3.11 -4.05
CA ARG B 71 23.16 -3.92 -4.68
C ARG B 71 24.52 -3.23 -4.59
N LYS B 72 24.57 -1.92 -4.82
CA LYS B 72 25.86 -1.21 -4.79
C LYS B 72 26.51 -1.30 -3.41
N THR B 73 25.73 -1.14 -2.35
CA THR B 73 26.24 -1.19 -0.98
C THR B 73 26.06 -2.55 -0.32
N GLY B 74 25.61 -3.55 -1.07
CA GLY B 74 25.50 -4.89 -0.54
C GLY B 74 24.54 -5.04 0.61
N THR B 75 23.44 -4.29 0.61
CA THR B 75 22.44 -4.35 1.66
C THR B 75 21.13 -4.96 1.14
N VAL B 76 21.24 -5.94 0.26
CA VAL B 76 20.06 -6.63 -0.25
C VAL B 76 19.50 -7.51 0.86
N SER B 77 18.24 -7.27 1.23
CA SER B 77 17.62 -7.97 2.34
C SER B 77 16.16 -8.25 2.02
N ASP B 78 15.63 -9.30 2.64
CA ASP B 78 14.21 -9.60 2.52
C ASP B 78 13.36 -8.55 3.22
N PHE B 79 13.91 -7.93 4.28
CA PHE B 79 13.22 -6.81 4.90
C PHE B 79 13.19 -5.60 3.99
N GLY B 80 14.20 -5.45 3.13
CA GLY B 80 14.19 -4.37 2.16
C GLY B 80 13.36 -4.67 0.93
N ALA B 81 13.33 -5.94 0.50
CA ALA B 81 12.49 -6.32 -0.62
C ALA B 81 11.01 -6.19 -0.25
N GLU B 82 10.65 -6.56 0.98
CA GLU B 82 9.29 -6.34 1.47
C GLU B 82 8.95 -4.86 1.48
N LEU B 83 9.82 -4.05 2.09
CA LEU B 83 9.59 -2.60 2.15
C LEU B 83 9.53 -2.00 0.75
N ASP B 84 10.26 -2.57 -0.20
CA ASP B 84 10.21 -2.09 -1.58
C ASP B 84 8.81 -2.26 -2.16
N SER B 85 8.22 -3.44 -1.98
CA SER B 85 6.87 -3.68 -2.49
C SER B 85 5.84 -2.83 -1.76
N ILE B 86 6.04 -2.62 -0.45
CA ILE B 86 5.11 -1.79 0.31
C ILE B 86 5.11 -0.36 -0.22
N SER B 87 6.29 0.16 -0.57
CA SER B 87 6.38 1.52 -1.08
C SER B 87 5.73 1.66 -2.45
N ASP B 88 5.75 0.59 -3.25
CA ASP B 88 5.13 0.65 -4.56
C ASP B 88 3.62 0.77 -4.45
N VAL B 89 3.02 0.13 -3.44
CA VAL B 89 1.58 0.21 -3.25
C VAL B 89 1.16 1.65 -2.94
N VAL B 90 1.92 2.32 -2.08
CA VAL B 90 1.57 3.67 -1.68
C VAL B 90 1.82 4.65 -2.82
N SER B 91 2.99 4.56 -3.43
CA SER B 91 3.39 5.56 -4.44
C SER B 91 2.67 5.33 -5.76
N PHE B 92 2.62 4.08 -6.21
CA PHE B 92 2.18 3.77 -7.56
C PHE B 92 0.87 2.99 -7.62
N GLY B 93 0.28 2.65 -6.47
CA GLY B 93 -1.00 1.99 -6.47
C GLY B 93 -2.12 2.89 -5.99
N VAL B 94 -2.01 3.34 -4.73
CA VAL B 94 -3.04 4.18 -4.14
C VAL B 94 -2.98 5.59 -4.73
N ALA B 95 -1.79 6.18 -4.77
CA ALA B 95 -1.66 7.58 -5.16
C ALA B 95 -2.14 7.86 -6.58
N PRO B 96 -1.74 7.10 -7.61
CA PRO B 96 -2.29 7.38 -8.95
C PRO B 96 -3.79 7.19 -9.01
N ALA B 97 -4.33 6.26 -8.23
CA ALA B 97 -5.79 6.12 -8.13
C ALA B 97 -6.41 7.31 -7.41
N TYR B 98 -5.77 7.78 -6.34
CA TYR B 98 -6.28 8.94 -5.62
C TYR B 98 -6.17 10.20 -6.46
N LEU B 99 -4.99 10.46 -7.03
CA LEU B 99 -4.79 11.65 -7.86
C LEU B 99 -5.76 11.68 -9.03
N LEU B 100 -6.14 10.52 -9.56
CA LEU B 100 -7.11 10.47 -10.64
C LEU B 100 -8.50 10.87 -10.14
N TYR B 101 -9.02 10.15 -9.14
CA TYR B 101 -10.37 10.41 -8.67
C TYR B 101 -10.50 11.80 -8.06
N ASN B 102 -9.51 12.21 -7.26
CA ASN B 102 -9.60 13.50 -6.57
C ASN B 102 -9.67 14.66 -7.56
N ASN B 103 -8.80 14.64 -8.57
CA ASN B 103 -8.78 15.70 -9.56
C ASN B 103 -9.78 15.50 -10.69
N PHE B 104 -10.53 14.39 -10.67
CA PHE B 104 -11.52 14.10 -11.71
C PHE B 104 -12.74 13.44 -11.08
N GLU B 105 -13.31 14.11 -10.08
CA GLU B 105 -14.40 13.53 -9.29
C GLU B 105 -15.59 13.19 -10.17
N SER B 106 -16.01 11.93 -10.13
CA SER B 106 -17.12 11.39 -10.89
C SER B 106 -17.32 9.96 -10.44
N ASN B 107 -18.53 9.43 -10.71
CA ASN B 107 -18.83 8.04 -10.44
C ASN B 107 -17.90 7.07 -11.16
N LEU B 108 -17.11 7.55 -12.11
CA LEU B 108 -16.39 6.70 -13.04
C LEU B 108 -14.88 6.72 -12.84
N ALA B 109 -14.30 7.88 -12.54
CA ALA B 109 -12.93 7.88 -12.04
C ALA B 109 -12.81 7.11 -10.74
N LEU B 110 -13.91 7.00 -9.99
CA LEU B 110 -13.95 6.12 -8.83
C LEU B 110 -13.88 4.65 -9.25
N ILE B 111 -14.70 4.25 -10.24
CA ILE B 111 -14.70 2.88 -10.71
C ILE B 111 -13.37 2.54 -11.38
N SER B 112 -12.73 3.52 -12.03
CA SER B 112 -11.48 3.25 -12.71
C SER B 112 -10.29 3.25 -11.76
N ALA B 113 -10.27 4.19 -10.81
CA ALA B 113 -9.19 4.22 -9.82
C ALA B 113 -9.20 2.94 -8.97
N ILE B 114 -10.38 2.39 -8.71
CA ILE B 114 -10.47 1.11 -8.00
C ILE B 114 -9.87 -0.01 -8.84
N ILE B 115 -10.21 -0.05 -10.13
CA ILE B 115 -9.67 -1.08 -11.01
C ILE B 115 -8.17 -0.91 -11.16
N PHE B 116 -7.69 0.34 -11.28
CA PHE B 116 -6.26 0.59 -11.41
C PHE B 116 -5.51 0.11 -10.18
N CYS B 117 -5.95 0.55 -8.99
CA CYS B 117 -5.27 0.14 -7.77
C CYS B 117 -5.43 -1.35 -7.51
N LEU B 118 -6.51 -1.96 -8.00
CA LEU B 118 -6.69 -3.40 -7.84
C LEU B 118 -5.75 -4.17 -8.76
N CYS B 119 -5.61 -3.72 -10.02
CA CYS B 119 -4.65 -4.36 -10.91
C CYS B 119 -3.22 -4.15 -10.44
N GLY B 120 -2.96 -3.08 -9.70
CA GLY B 120 -1.63 -2.89 -9.14
C GLY B 120 -1.32 -3.84 -8.00
N ALA B 121 -2.31 -4.07 -7.13
CA ALA B 121 -2.11 -5.00 -6.02
C ALA B 121 -1.94 -6.43 -6.53
N LEU B 122 -2.67 -6.79 -7.59
CA LEU B 122 -2.58 -8.16 -8.12
C LEU B 122 -1.22 -8.43 -8.71
N ARG B 123 -0.66 -7.47 -9.45
CA ARG B 123 0.64 -7.68 -10.08
C ARG B 123 1.81 -7.47 -9.13
N LEU B 124 1.59 -6.74 -8.03
CA LEU B 124 2.63 -6.67 -6.99
C LEU B 124 2.65 -7.93 -6.14
N ALA B 125 1.48 -8.55 -5.92
CA ALA B 125 1.44 -9.82 -5.22
C ALA B 125 2.02 -10.95 -6.08
N ARG B 126 1.93 -10.81 -7.40
CA ARG B 126 2.57 -11.78 -8.29
C ARG B 126 4.08 -11.54 -8.37
N PHE B 127 4.49 -10.27 -8.37
CA PHE B 127 5.92 -9.95 -8.38
C PHE B 127 6.62 -10.49 -7.14
N GLY B 128 5.89 -10.61 -6.03
CA GLY B 128 6.50 -11.11 -4.81
C GLY B 128 6.79 -12.59 -4.83
N ILE B 129 5.96 -13.38 -5.53
CA ILE B 129 6.16 -14.81 -5.61
C ILE B 129 7.05 -15.22 -6.77
N LEU B 130 7.54 -14.27 -7.56
CA LEU B 130 8.28 -14.55 -8.78
C LEU B 130 9.69 -13.96 -8.67
N ASN B 131 10.68 -14.77 -9.02
CA ASN B 131 12.07 -14.34 -9.08
C ASN B 131 12.55 -14.28 -10.54
N VAL B 132 11.68 -13.81 -11.42
CA VAL B 132 12.02 -13.70 -12.84
C VAL B 132 12.93 -12.49 -13.05
N LYS B 133 13.77 -12.56 -14.09
CA LYS B 133 14.69 -11.47 -14.38
C LYS B 133 13.94 -10.16 -14.65
N GLY B 134 12.99 -10.19 -15.57
CA GLY B 134 12.28 -8.98 -15.96
C GLY B 134 10.97 -8.78 -15.23
N PHE B 135 9.93 -8.43 -15.98
CA PHE B 135 8.60 -8.18 -15.41
C PHE B 135 7.56 -8.93 -16.23
N ILE B 136 6.61 -9.55 -15.54
CA ILE B 136 5.45 -10.16 -16.17
C ILE B 136 4.30 -9.15 -16.06
N GLY B 137 3.93 -8.56 -17.19
CA GLY B 137 2.99 -7.46 -17.20
C GLY B 137 3.70 -6.13 -17.05
N LEU B 138 2.94 -5.06 -17.31
CA LEU B 138 3.49 -3.73 -17.21
C LEU B 138 3.84 -3.41 -15.77
N PRO B 139 5.07 -2.96 -15.49
CA PRO B 139 5.44 -2.66 -14.09
C PRO B 139 4.61 -1.53 -13.53
N ILE B 140 4.39 -1.58 -12.21
CA ILE B 140 3.53 -0.61 -11.54
C ILE B 140 4.10 0.81 -11.55
N PRO B 141 5.43 1.03 -11.53
CA PRO B 141 5.89 2.41 -11.71
C PRO B 141 5.63 2.94 -13.11
N ALA B 142 5.68 2.08 -14.12
CA ALA B 142 5.39 2.51 -15.48
C ALA B 142 3.90 2.76 -15.67
N GLY B 143 3.05 1.91 -15.08
CA GLY B 143 1.62 2.14 -15.17
C GLY B 143 1.18 3.38 -14.42
N ALA B 144 1.84 3.68 -13.29
CA ALA B 144 1.55 4.90 -12.57
C ALA B 144 1.96 6.14 -13.38
N LEU B 145 3.18 6.13 -13.90
CA LEU B 145 3.66 7.26 -14.70
C LEU B 145 2.74 7.54 -15.88
N LEU B 146 2.27 6.48 -16.54
CA LEU B 146 1.35 6.67 -17.67
C LEU B 146 0.07 7.34 -17.22
N LEU B 147 -0.57 6.81 -16.18
CA LEU B 147 -1.80 7.41 -15.68
C LEU B 147 -1.55 8.81 -15.12
N VAL B 148 -0.45 8.99 -14.37
CA VAL B 148 -0.17 10.27 -13.76
C VAL B 148 0.17 11.31 -14.82
N GLY B 149 1.09 10.96 -15.74
CA GLY B 149 1.45 11.88 -16.79
C GLY B 149 0.26 12.25 -17.67
N PHE B 150 -0.64 11.29 -17.91
CA PHE B 150 -1.85 11.58 -18.67
C PHE B 150 -2.79 12.48 -17.88
N CYS B 151 -2.92 12.23 -16.57
CA CYS B 151 -3.77 13.07 -15.74
C CYS B 151 -3.31 14.51 -15.72
N GLN B 152 -2.01 14.74 -15.97
CA GLN B 152 -1.48 16.10 -16.02
C GLN B 152 -1.68 16.76 -17.38
N LEU B 153 -1.74 15.95 -18.44
CA LEU B 153 -1.79 16.47 -19.80
C LEU B 153 -3.20 16.49 -20.38
N ILE B 154 -4.00 15.45 -20.13
CA ILE B 154 -5.36 15.37 -20.64
C ILE B 154 -6.31 15.77 -19.53
N ASN B 155 -7.14 16.78 -19.79
CA ASN B 155 -8.10 17.26 -18.80
C ASN B 155 -9.50 16.75 -19.14
N SER B 156 -9.67 15.44 -18.96
CA SER B 156 -10.94 14.78 -19.26
C SER B 156 -11.16 13.64 -18.30
N TYR B 157 -12.36 13.61 -17.69
CA TYR B 157 -12.74 12.50 -16.84
C TYR B 157 -12.76 11.19 -17.62
N LEU B 158 -13.12 11.26 -18.91
CA LEU B 158 -13.38 10.06 -19.69
C LEU B 158 -12.07 9.40 -20.13
N ILE B 159 -11.22 10.15 -20.84
CA ILE B 159 -9.97 9.57 -21.37
C ILE B 159 -9.11 9.02 -20.22
N ASN B 160 -8.94 9.81 -19.15
CA ASN B 160 -8.12 9.34 -18.03
C ASN B 160 -8.73 8.13 -17.33
N SER B 161 -10.06 7.98 -17.38
CA SER B 161 -10.68 6.81 -16.78
C SER B 161 -10.47 5.56 -17.62
N ILE B 162 -10.51 5.70 -18.95
CA ILE B 162 -10.25 4.56 -19.82
C ILE B 162 -8.79 4.13 -19.74
N LEU B 163 -7.87 5.10 -19.79
CA LEU B 163 -6.46 4.77 -19.71
C LEU B 163 -6.14 3.96 -18.45
N ALA B 164 -6.82 4.28 -17.35
CA ALA B 164 -6.65 3.49 -16.14
C ALA B 164 -7.07 2.05 -16.36
N ILE B 165 -8.12 1.83 -17.14
CA ILE B 165 -8.55 0.47 -17.46
C ILE B 165 -7.49 -0.21 -18.33
N LEU B 166 -7.07 0.45 -19.41
CA LEU B 166 -6.09 -0.14 -20.32
C LEU B 166 -4.79 -0.43 -19.60
N ILE B 167 -4.32 0.52 -18.78
CA ILE B 167 -3.08 0.31 -18.02
C ILE B 167 -3.27 -0.81 -17.02
N GLY B 168 -4.39 -0.78 -16.28
CA GLY B 168 -4.66 -1.82 -15.31
C GLY B 168 -4.69 -3.20 -15.94
N LEU B 169 -5.33 -3.33 -17.10
CA LEU B 169 -5.32 -4.61 -17.81
C LEU B 169 -3.92 -4.95 -18.30
N LEU B 170 -3.15 -3.93 -18.72
CA LEU B 170 -1.78 -4.17 -19.12
C LEU B 170 -0.93 -4.65 -17.96
N MET B 171 -1.19 -4.14 -16.75
CA MET B 171 -0.34 -4.44 -15.61
C MET B 171 -0.51 -5.87 -15.14
N ILE B 172 -1.71 -6.45 -15.29
CA ILE B 172 -1.96 -7.82 -14.89
C ILE B 172 -1.83 -8.79 -16.06
N SER B 173 -1.39 -8.31 -17.22
CA SER B 173 -1.23 -9.17 -18.39
C SER B 173 0.05 -9.99 -18.27
N ASP B 174 0.23 -10.90 -19.23
CA ASP B 174 1.40 -11.76 -19.29
C ASP B 174 2.49 -11.20 -20.18
N ILE B 175 2.39 -9.92 -20.57
CA ILE B 175 3.37 -9.32 -21.46
C ILE B 175 4.68 -9.16 -20.70
N LYS B 176 5.71 -9.90 -21.10
CA LYS B 176 7.00 -9.82 -20.43
C LYS B 176 7.66 -8.48 -20.71
N TYR B 177 8.04 -7.78 -19.65
CA TYR B 177 8.74 -6.52 -19.79
C TYR B 177 10.15 -6.64 -19.24
N PRO B 178 11.16 -6.17 -19.96
CA PRO B 178 12.54 -6.39 -19.53
C PRO B 178 12.97 -5.42 -18.45
N LYS B 179 13.86 -5.90 -17.59
CA LYS B 179 14.47 -5.09 -16.55
C LYS B 179 15.96 -4.96 -16.88
N TYR B 180 16.38 -3.73 -17.21
CA TYR B 180 17.76 -3.43 -17.59
C TYR B 180 18.25 -2.27 -16.72
N PRO B 181 18.40 -2.49 -15.40
CA PRO B 181 18.63 -1.39 -14.46
C PRO B 181 20.09 -0.96 -14.34
N ASN B 182 20.76 -0.78 -15.47
CA ASN B 182 22.12 -0.28 -15.44
C ASN B 182 22.13 1.24 -15.29
N LYS B 183 23.30 1.79 -14.98
CA LYS B 183 23.41 3.21 -14.62
C LYS B 183 22.91 4.10 -15.75
N ILE B 184 23.31 3.81 -16.99
CA ILE B 184 22.97 4.69 -18.11
C ILE B 184 21.46 4.72 -18.33
N PHE B 185 20.82 3.55 -18.28
CA PHE B 185 19.38 3.49 -18.47
C PHE B 185 18.65 4.25 -17.36
N ILE B 186 19.05 4.03 -16.12
CA ILE B 186 18.43 4.75 -15.00
C ILE B 186 18.68 6.25 -15.12
N TYR B 187 19.83 6.64 -15.69
CA TYR B 187 20.16 8.05 -15.82
C TYR B 187 19.23 8.75 -16.80
N ILE B 188 18.97 8.13 -17.96
CA ILE B 188 18.12 8.76 -18.96
C ILE B 188 16.70 8.90 -18.44
N PHE B 189 16.16 7.84 -17.86
CA PHE B 189 14.79 7.90 -17.34
C PHE B 189 14.67 8.92 -16.21
N ALA B 190 15.70 9.01 -15.36
CA ALA B 190 15.65 9.96 -14.25
C ALA B 190 15.80 11.40 -14.73
N VAL B 191 16.51 11.62 -15.83
CA VAL B 191 16.62 12.97 -16.39
C VAL B 191 15.25 13.47 -16.84
N SER B 192 14.52 12.64 -17.56
CA SER B 192 13.15 13.01 -17.96
C SER B 192 12.24 13.12 -16.75
N LEU B 193 12.48 12.32 -15.71
CA LEU B 193 11.65 12.38 -14.51
C LEU B 193 11.87 13.70 -13.76
N CYS B 194 13.11 14.20 -13.75
CA CYS B 194 13.35 15.53 -13.21
C CYS B 194 12.60 16.59 -13.99
N LEU B 195 12.58 16.46 -15.33
CA LEU B 195 11.78 17.36 -16.15
C LEU B 195 10.31 17.22 -15.84
N ALA B 196 9.85 16.02 -15.49
CA ALA B 196 8.47 15.83 -15.06
C ALA B 196 8.22 16.46 -13.68
N ILE B 197 9.23 16.43 -12.81
CA ILE B 197 9.06 16.97 -11.46
C ILE B 197 8.77 18.47 -11.52
N VAL B 198 9.44 19.19 -12.42
CA VAL B 198 9.28 20.64 -12.53
C VAL B 198 8.19 21.03 -13.53
N GLY B 199 7.40 20.08 -14.00
CA GLY B 199 6.23 20.39 -14.81
C GLY B 199 6.31 20.08 -16.29
N ILE B 200 7.31 19.33 -16.74
CA ILE B 200 7.39 18.94 -18.16
C ILE B 200 7.42 17.42 -18.23
N PRO B 201 6.30 16.73 -18.00
CA PRO B 201 6.30 15.26 -18.02
C PRO B 201 6.16 14.64 -19.41
N HIS B 202 6.33 15.42 -20.48
CA HIS B 202 6.13 14.90 -21.82
C HIS B 202 7.24 13.95 -22.24
N PHE B 203 8.41 14.04 -21.63
CA PHE B 203 9.54 13.20 -22.01
C PHE B 203 9.59 11.89 -21.24
N ALA B 204 9.19 11.92 -19.97
CA ALA B 204 8.97 10.66 -19.25
C ALA B 204 7.72 9.95 -19.74
N LEU B 205 6.75 10.71 -20.26
CA LEU B 205 5.57 10.09 -20.85
C LEU B 205 5.89 9.44 -22.18
N MET B 206 6.69 10.11 -23.01
CA MET B 206 7.08 9.54 -24.30
C MET B 206 7.92 8.29 -24.11
N LEU B 207 8.84 8.30 -23.15
CA LEU B 207 9.65 7.12 -22.87
C LEU B 207 8.78 5.96 -22.38
N CYS B 208 7.84 6.26 -21.48
CA CYS B 208 7.00 5.20 -20.92
C CYS B 208 5.99 4.68 -21.93
N LEU B 209 5.58 5.50 -22.89
CA LEU B 209 4.77 4.97 -23.99
C LEU B 209 5.61 4.07 -24.88
N ILE B 210 6.82 4.50 -25.25
CA ILE B 210 7.69 3.67 -26.07
C ILE B 210 7.99 2.35 -25.38
N TYR B 211 8.33 2.41 -24.09
CA TYR B 211 8.68 1.19 -23.36
C TYR B 211 7.48 0.26 -23.22
N ALA B 212 6.27 0.81 -23.12
CA ALA B 212 5.08 -0.02 -22.97
C ALA B 212 4.75 -0.76 -24.26
N ILE B 213 4.69 -0.03 -25.38
CA ILE B 213 4.40 -0.67 -26.65
C ILE B 213 5.54 -1.59 -27.07
N TYR B 214 6.78 -1.26 -26.70
CA TYR B 214 7.90 -2.15 -27.01
C TYR B 214 7.64 -3.56 -26.48
N GLY B 215 7.02 -3.67 -25.31
CA GLY B 215 6.72 -4.98 -24.77
C GLY B 215 5.62 -5.70 -25.55
N ILE B 216 4.62 -4.96 -26.00
CA ILE B 216 3.54 -5.57 -26.77
C ILE B 216 4.08 -6.11 -28.09
N ILE B 217 5.04 -5.40 -28.70
CA ILE B 217 5.66 -5.90 -29.92
C ILE B 217 6.44 -7.17 -29.64
N LYS B 218 7.25 -7.17 -28.58
CA LYS B 218 8.11 -8.31 -28.30
C LYS B 218 7.32 -9.51 -27.78
N TYR B 219 6.21 -9.25 -27.09
CA TYR B 219 5.27 -10.33 -26.77
C TYR B 219 4.69 -10.95 -28.05
N ILE B 220 4.42 -10.12 -29.06
CA ILE B 220 3.78 -10.59 -30.29
C ILE B 220 4.79 -11.21 -31.23
N ARG B 221 5.99 -10.63 -31.33
CA ARG B 221 6.90 -11.00 -32.41
C ARG B 221 7.60 -12.34 -32.16
N GLY B 222 7.82 -12.71 -30.91
CA GLY B 222 8.65 -13.87 -30.64
C GLY B 222 8.21 -14.63 -29.41
N ASP B 223 8.47 -15.94 -29.43
CA ASP B 223 8.29 -16.82 -28.29
C ASP B 223 9.55 -17.65 -28.10
N LEU B 224 9.68 -18.24 -26.92
CA LEU B 224 10.85 -19.07 -26.61
C LEU B 224 10.51 -20.13 -25.57
OAA 58A C . -3.33 -17.43 1.75
CAB 58A C . -3.97 -16.47 2.04
NAC 58A C . -4.79 -15.78 1.02
CAD 58A C . -5.57 -14.60 1.36
NAE 58A C . -6.36 -13.93 0.34
CAF 58A C . -5.55 -14.09 2.76
CAG 58A C . -4.74 -14.79 3.80
NAH 58A C . -3.95 -15.97 3.45
C1' 58A C . -3.17 -16.63 4.44
O4' 58A C . -3.62 -16.38 5.64
C2' 58A C . -1.61 -16.04 4.39
O2' 58A C . -0.67 -17.06 4.91
C3' 58A C . -1.62 -15.06 5.13
O3' 58A C . -0.23 -14.78 5.66
C4' 58A C . -2.59 -15.53 6.32
C5' 58A C . -3.18 -14.45 6.94
O5' 58A C . -3.86 -14.93 8.08
PAR 58A C . -4.98 -13.96 8.82
OAT 58A C . -5.64 -13.07 7.79
OAS 58A C . -6.02 -14.82 9.48
OAU 58A C . -4.23 -13.05 9.97
PAV 58A C . -3.64 -11.53 9.79
OAX 58A C . -2.14 -11.53 9.97
OAW 58A C . -3.98 -10.99 8.43
OAY 58A C . -4.35 -10.59 10.95
CAZ 58A C . -5.74 -10.71 11.11
CBA 58A C . -6.07 -10.61 12.59
OBB 58A C . -7.46 -10.42 12.74
CBU 58A C . -8.07 -11.36 13.63
OCK 58A C . -8.16 -12.50 13.30
CBV 58A C . -8.63 -10.89 15.00
CBW 58A C . -8.61 -12.08 16.00
CBX 58A C . -8.96 -11.55 17.42
CBY 58A C . -7.66 -11.14 18.16
CBZ 58A C . -7.06 -12.39 18.84
CCA 58A C . -6.81 -12.11 20.33
CCB 58A C . -7.31 -13.32 21.15
CCC 58A C . -7.53 -12.87 22.59
CCD 58A C . -6.50 -12.40 23.31
CCE 58A C . -6.74 -11.96 24.75
CCF 58A C . -7.01 -10.43 24.73
CCG 58A C . -7.71 -10.02 26.04
CCH 58A C . -9.08 -9.38 25.71
CCI 58A C . -8.98 -8.56 24.40
CCJ 58A C . -10.34 -7.91 24.10
CBC 58A C . -5.31 -9.41 13.20
OBD 58A C . -5.69 -9.25 14.57
CBE 58A C . -5.74 -7.89 14.98
OCL 58A C . -6.10 -7.05 14.22
CBF 58A C . -5.33 -7.51 16.44
CBG 58A C . -6.56 -7.74 17.37
CBH 58A C . -7.52 -6.52 17.22
CBI 58A C . -7.89 -6.01 18.65
CBJ 58A C . -8.51 -7.18 19.46
CBK 58A C . -9.93 -6.76 19.93
CBL 58A C . -10.77 -8.02 20.36
CBM 58A C . -10.00 -9.35 20.14
CBN 58A C . -10.47 -10.48 20.70
CBO 58A C . -11.75 -10.44 21.56
CBP 58A C . -11.56 -11.31 22.83
CBQ 58A C . -12.64 -12.41 22.86
CBR 58A C . -13.43 -12.34 24.17
CBS 58A C . -13.12 -13.57 25.02
CBT 58A C . -14.06 -13.60 26.24
CA CA D . -5.93 -10.91 6.55
MG MG E . -5.01 -7.75 4.41
CL CL F . 0.36 -6.52 10.71
CL CL G . 4.65 -9.16 13.09
CAC FLC H . 1.99 -16.93 9.95
CA FLC H . 1.10 -17.12 11.15
CB FLC H . -0.15 -17.88 10.74
CBC FLC H . -1.02 -16.97 9.92
CG FLC H . -0.93 -18.35 11.97
CGC FLC H . -1.23 -19.83 11.90
OA1 FLC H . 2.36 -17.95 9.33
OA2 FLC H . 2.33 -15.77 9.63
OB1 FLC H . -0.79 -16.85 8.71
OB2 FLC H . -1.95 -16.36 10.50
OG1 FLC H . -1.36 -20.46 12.96
OG2 FLC H . -1.33 -20.37 10.78
OHB FLC H . 0.22 -19.01 9.95
NA NA I . -5.04 -17.39 -0.89
C18 OLC J . -20.67 -0.14 3.82
C10 OLC J . -23.76 1.09 6.08
C9 OLC J . -23.15 2.25 5.98
C17 OLC J . -21.07 -1.08 4.96
C11 OLC J . -23.85 0.39 7.44
C8 OLC J . -22.54 2.90 7.22
C24 OLC J . -15.91 12.05 7.86
C16 OLC J . -21.65 -2.36 4.36
C12 OLC J . -24.75 -0.83 7.33
C7 OLC J . -22.39 4.40 7.00
C15 OLC J . -22.43 -3.12 5.43
C13 OLC J . -23.89 -2.08 7.17
C6 OLC J . -21.20 4.67 6.09
C14 OLC J . -23.77 -2.42 5.68
C5 OLC J . -20.65 6.07 6.39
C4 OLC J . -20.31 6.79 5.10
C3 OLC J . -19.93 8.23 5.42
C2 OLC J . -19.01 8.79 4.33
C21 OLC J . -18.02 11.19 6.87
C1 OLC J . -18.27 10.00 4.87
C22 OLC J . -17.16 11.22 8.13
O19 OLC J . -18.08 10.95 4.17
O25 OLC J . -16.04 13.30 8.48
O23 OLC J . -17.89 11.81 9.19
O20 OLC J . -17.79 10.00 6.18
C18 OLC K . -18.15 -6.83 36.58
C10 OLC K . -18.42 -2.05 33.93
C9 OLC K . -18.53 -0.93 33.23
C17 OLC K . -18.25 -6.39 38.04
C11 OLC K . -17.38 -2.15 35.05
C8 OLC K . -17.63 0.26 33.52
C24 OLC K . -23.34 5.19 23.48
C16 OLC K . -16.88 -5.93 38.55
C12 OLC K . -18.03 -1.83 36.39
C7 OLC K . -17.84 1.34 32.46
C15 OLC K . -16.48 -4.63 37.84
C13 OLC K . -17.08 -2.23 37.52
C6 OLC K . -16.75 1.24 31.40
C14 OLC K . -17.53 -3.56 38.12
C5 OLC K . -17.07 2.21 30.26
C4 OLC K . -18.45 1.86 29.71
C3 OLC K . -18.88 2.91 28.68
C2 OLC K . -20.06 2.38 27.89
C21 OLC K . -22.24 4.13 25.45
C1 OLC K . -20.73 3.52 27.13
C22 OLC K . -22.42 4.06 23.93
O19 OLC K . -20.88 4.57 27.66
O25 OLC K . -22.78 5.84 22.37
O23 OLC K . -21.18 4.19 23.31
O20 OLC K . -21.15 3.33 25.81
C18 OLC L . 14.70 12.94 8.69
C10 OLC L . 8.11 17.48 4.00
C9 OLC L . 6.90 17.94 4.25
C17 OLC L . 13.38 13.58 8.25
C11 OLC L . 8.66 16.26 4.72
C8 OLC L . 6.37 19.17 3.51
C24 OLC L . -3.37 25.46 8.14
C16 OLC L . 13.34 13.64 6.72
C12 OLC L . 10.16 16.16 4.49
C7 OLC L . 4.90 19.36 3.88
C15 OLC L . 11.96 14.13 6.27
C13 OLC L . 10.57 14.70 4.29
C6 OLC L . 4.30 20.60 3.19
C14 OLC L . 12.00 14.50 4.79
C5 OLC L . 3.44 21.36 4.19
C4 OLC L . 2.05 21.60 3.61
C3 OLC L . 1.11 22.06 4.74
C2 OLC L . -0.27 22.40 4.16
C21 OLC L . -1.54 24.66 6.67
C1 OLC L . -1.22 22.81 5.29
C22 OLC L . -2.24 24.46 8.01
O19 OLC L . -2.36 22.49 5.24
O25 OLC L . -3.71 25.61 9.50
O23 OLC L . -2.76 23.15 8.06
O20 OLC L . -0.74 23.54 6.39
C18 OLC M . 13.63 18.24 6.29
C10 OLC M . 9.74 25.08 9.45
C9 OLC M . 8.71 25.88 9.59
C17 OLC M . 12.22 17.98 6.80
C11 OLC M . 9.53 23.67 8.90
C8 OLC M . 8.88 27.29 10.13
C24 OLC M . -0.90 29.48 8.89
C16 OLC M . 11.89 18.89 7.97
C12 OLC M . 10.88 23.01 8.61
C7 OLC M . 8.52 28.31 9.05
C15 OLC M . 10.96 20.01 7.52
C13 OLC M . 10.87 22.48 7.18
C6 OLC M . 8.02 29.60 9.70
C14 OLC M . 11.77 21.24 7.11
C5 OLC M . 6.49 29.58 9.76
C4 OLC M . 6.04 29.30 11.18
C3 OLC M . 5.13 28.08 11.21
C2 OLC M . 3.73 28.47 10.72
C21 OLC M . 1.08 28.37 9.93
C1 OLC M . 2.68 27.70 11.53
C22 OLC M . -0.09 29.32 10.17
O19 OLC M . 3.00 27.14 12.52
O25 OLC M . -1.30 28.22 8.43
O23 OLC M . -0.90 28.81 11.19
O20 OLC M . 1.35 27.66 11.11
OAA 58A N . 17.23 -5.21 -0.73
CAB 58A N . 16.60 -4.26 -1.02
NAC 58A N . 16.36 -3.18 -0.03
CAD 58A N . 15.58 -2.00 -0.39
NAE 58A N . 15.35 -0.95 0.59
CAF 58A N . 15.01 -1.88 -1.76
CAG 58A N . 15.24 -2.96 -2.76
NAH 58A N . 16.02 -4.14 -2.41
C1' 58A N . 16.24 -5.17 -3.37
O4' 58A N . 16.26 -4.67 -4.58
C2' 58A N . 15.00 -6.28 -3.31
O2' 58A N . 15.49 -7.60 -3.76
C3' 58A N . 14.17 -5.85 -4.12
O3' 58A N . 13.26 -6.95 -4.60
C4' 58A N . 15.10 -5.32 -5.31
C5' 58A N . 14.42 -4.41 -6.10
O5' 58A N . 15.31 -3.40 -6.54
PAR 58A N . 14.92 -2.55 -7.90
OAT 58A N . 14.59 -1.12 -7.53
OAS 58A N . 16.10 -2.56 -8.85
OAU 58A N . 13.63 -3.27 -8.67
PAV 58A N . 12.12 -2.64 -8.81
OAX 58A N . 11.11 -3.74 -8.60
OAW 58A N . 11.91 -1.57 -7.77
OAY 58A N . 11.94 -2.00 -10.32
CAZ 58A N . 12.05 -0.61 -10.48
CBA 58A N . 12.46 -0.26 -11.90
OBB 58A N . 13.60 0.57 -11.84
CBU 58A N . 13.90 1.33 -13.02
OCK 58A N . 13.58 2.47 -13.09
CBV 58A N . 14.66 0.68 -14.21
CBW 58A N . 15.05 1.78 -15.23
CBX 58A N . 15.35 1.12 -16.60
CBY 58A N . 14.09 0.38 -17.09
CBZ 58A N . 14.47 -0.66 -18.16
CCA 58A N . 15.04 0.03 -19.41
CCB 58A N . 15.02 -0.95 -20.59
CCC 58A N . 14.35 -0.30 -21.79
CCD 58A N . 14.32 -0.97 -22.96
CCE 58A N . 13.65 -0.37 -24.20
CCF 58A N . 14.25 -1.05 -25.46
CCG 58A N . 15.79 -0.95 -25.41
CCH 58A N . 16.47 -2.10 -26.20
CCI 58A N . 15.52 -2.70 -27.25
CCJ 58A N . 16.24 -3.81 -28.04
CBC 58A N . 11.29 0.45 -12.61
OBD 58A N . 11.03 -0.19 -13.87
CBE 58A N . 9.89 0.34 -14.57
OCL 58A N . 8.85 0.44 -14.03
CBF 58A N . 10.04 0.78 -16.07
CBG 58A N . 10.50 2.27 -16.14
CBH 58A N . 9.58 3.05 -17.10
CBI 58A N . 10.05 2.84 -18.58
CBJ 58A N . 11.03 3.97 -19.00
CBK 58A N . 12.50 3.46 -18.87
CBL 58A N . 13.06 3.16 -20.31
CBM 58A N . 14.61 3.32 -20.31
CBN 58A N . 15.17 4.46 -20.77
CBO 58A N . 16.71 4.59 -20.78
CBP 58A N . 17.20 4.88 -22.23
CBQ 58A N . 16.37 4.10 -23.26
CBR 58A N . 15.53 5.02 -24.17
CBS 58A N . 15.93 6.50 -24.01
CBT 58A N . 16.82 6.94 -25.18
CA CA O . 12.98 -0.45 -5.56
MG MG P . 8.99 0.58 -3.84
CL CL Q . 5.85 -4.19 -10.22
CL CL R . 6.43 -9.46 -12.44
CAC FLC S . 16.63 -10.88 -7.23
CA FLC S . 16.23 -9.53 -7.77
CB FLC S . 15.13 -9.71 -8.82
CBC FLC S . 14.03 -8.70 -8.58
CG FLC S . 15.67 -9.65 -10.25
CGC FLC S . 16.45 -8.41 -10.65
OA1 FLC S . 17.74 -11.34 -7.55
OA2 FLC S . 15.84 -11.48 -6.46
OB1 FLC S . 13.22 -8.93 -7.65
OB2 FLC S . 13.94 -7.68 -9.30
OG1 FLC S . 16.88 -8.35 -11.83
OG2 FLC S . 16.65 -7.48 -9.84
OHB FLC S . 14.56 -11.01 -8.63
CAC FLC T . 22.66 2.60 10.14
CA FLC T . 21.16 2.41 10.06
CB FLC T . 20.45 2.11 11.37
CBC FLC T . 21.03 0.88 12.04
CG FLC T . 20.49 3.33 12.28
CGC FLC T . 19.44 3.24 13.37
OA1 FLC T . 23.25 2.55 11.25
OA2 FLC T . 23.28 2.82 9.08
OB1 FLC T . 21.12 -0.17 11.37
OB2 FLC T . 21.40 0.96 13.23
OG1 FLC T . 18.33 2.75 13.08
OG2 FLC T . 19.73 3.68 14.51
OHB FLC T . 19.08 1.82 11.06
C18 OLC U . -2.11 2.70 -27.88
C10 OLC U . -1.52 11.16 -25.88
C9 OLC U . -2.09 11.82 -24.90
C17 OLC U . -3.11 3.79 -27.51
C11 OLC U . -2.21 9.92 -26.46
C8 OLC U . -1.42 13.06 -24.31
C24 OLC U . -1.91 21.38 -18.06
C16 OLC U . -2.98 4.12 -26.03
C12 OLC U . -1.70 8.65 -25.77
C7 OLC U . -1.60 14.25 -25.24
C15 OLC U . -2.18 5.40 -25.84
C13 OLC U . -2.88 7.77 -25.40
C6 OLC U . -2.06 15.47 -24.44
C14 OLC U . -3.00 6.59 -26.37
C5 OLC U . -2.51 16.57 -25.40
C4 OLC U . -2.67 17.89 -24.64
C3 OLC U . -1.35 18.24 -23.95
C2 OLC U . -1.17 19.76 -23.93
C21 OLC U . -2.24 20.87 -20.48
C1 OLC U . -1.94 20.37 -22.76
C22 OLC U . -1.32 21.53 -19.46
O19 OLC U . -2.95 20.96 -22.95
O25 OLC U . -0.88 21.31 -17.11
O23 OLC U . -0.05 20.95 -19.51
O20 OLC U . -1.45 20.23 -21.45
C18 OLC V . -7.18 4.46 -26.31
C10 OLC V . -5.23 11.73 -26.96
C9 OLC V . -5.34 12.97 -26.54
C17 OLC V . -7.27 5.20 -24.99
C11 OLC V . -6.41 10.77 -26.84
C8 OLC V . -6.65 13.44 -25.92
C24 OLC V . -6.76 22.60 -19.97
C16 OLC V . -8.59 5.96 -24.92
C12 OLC V . -5.92 9.35 -27.09
C7 OLC V . -6.55 14.91 -25.53
C15 OLC V . -8.34 7.46 -24.81
C13 OLC V . -6.37 8.47 -25.93
C6 OLC V . -7.89 15.59 -25.81
C14 OLC V . -7.81 8.03 -26.12
C5 OLC V . -8.70 15.69 -24.52
C4 OLC V . -8.11 16.76 -23.61
C3 OLC V . -8.03 18.09 -24.36
C2 OLC V . -6.57 18.56 -24.43
C21 OLC V . -5.88 20.93 -21.59
C1 OLC V . -6.17 19.15 -23.09
C22 OLC V . -7.14 21.48 -20.94
O19 OLC V . -5.84 18.45 -22.19
O25 OLC V . -6.04 22.06 -18.89
O23 OLC V . -8.00 21.97 -21.92
O20 OLC V . -6.19 20.54 -22.90
NA NA W . 17.72 -3.39 2.77
#